data_3TYP
#
_entry.id   3TYP
#
_cell.length_a   52.282
_cell.length_b   52.282
_cell.length_c   252.484
_cell.angle_alpha   90.00
_cell.angle_beta   90.00
_cell.angle_gamma   120.00
#
_symmetry.space_group_name_H-M   'P 32 2 1'
#
loop_
_entity.id
_entity.type
_entity.pdbx_description
1 polymer 'Uncharacterized protein'
2 non-polymer 'SODIUM ION'
3 non-polymer 1,2-ETHANEDIOL
4 water water
#
_entity_poly.entity_id   1
_entity_poly.type   'polypeptide(L)'
_entity_poly.pdbx_seq_one_letter_code
;GHMVTEIERKFLVATFPDGELHAVPLRQGYLTTPTDSIELRLRQQGTEYFMTLKSEGGLSRQEYEIQIDVTQFEMLWPAT
EGRRVEKTRYSGKLPDGQLFELDVFAGHLSPLMLVEVEFLSEDAAQAFIPPPWFGEEVTEDKRYKNKALALSIPG
;
_entity_poly.pdbx_strand_id   A,B
#
# COMPACT_ATOMS: atom_id res chain seq x y z
N GLU A 6 -17.99 -15.61 -16.57
CA GLU A 6 -16.85 -15.48 -17.54
C GLU A 6 -16.26 -16.82 -18.00
N ILE A 7 -16.42 -17.01 -19.31
CA ILE A 7 -16.16 -18.24 -20.16
C ILE A 7 -14.91 -18.13 -21.10
N GLU A 8 -13.82 -18.80 -20.70
CA GLU A 8 -12.47 -18.61 -21.33
C GLU A 8 -11.56 -19.85 -21.25
N ARG A 9 -10.67 -20.02 -22.24
CA ARG A 9 -9.66 -21.07 -22.22
C ARG A 9 -8.33 -20.40 -22.55
N LYS A 10 -7.24 -20.92 -22.01
CA LYS A 10 -5.96 -20.28 -22.24
C LYS A 10 -4.92 -21.28 -22.72
N PHE A 11 -4.08 -20.85 -23.66
CA PHE A 11 -3.10 -21.76 -24.26
C PHE A 11 -1.71 -21.12 -24.36
N LEU A 12 -0.67 -21.94 -24.38
CA LEU A 12 0.59 -21.45 -24.93
C LEU A 12 0.40 -21.04 -26.37
N VAL A 13 1.38 -20.35 -26.94
CA VAL A 13 1.29 -19.88 -28.31
C VAL A 13 2.42 -20.57 -29.07
N ALA A 14 2.12 -21.25 -30.18
CA ALA A 14 3.17 -21.99 -30.92
C ALA A 14 3.73 -21.02 -31.98
N THR A 15 2.86 -20.24 -32.59
CA THR A 15 3.31 -19.29 -33.57
C THR A 15 2.63 -17.94 -33.36
N PHE A 16 3.40 -16.83 -33.29
CA PHE A 16 2.75 -15.52 -33.17
C PHE A 16 1.85 -15.28 -34.38
N PRO A 17 0.61 -14.80 -34.19
CA PRO A 17 -0.24 -14.74 -35.38
C PRO A 17 -0.04 -13.52 -36.31
N ASP A 18 -0.56 -13.60 -37.53
CA ASP A 18 -0.60 -12.40 -38.35
C ASP A 18 -1.97 -11.76 -38.19
N GLY A 19 -2.31 -10.74 -38.95
CA GLY A 19 -3.66 -10.16 -38.83
C GLY A 19 -3.65 -8.89 -38.00
N GLU A 20 -4.83 -8.31 -37.79
N GLU A 20 -4.81 -8.28 -37.80
CA GLU A 20 -5.00 -7.06 -37.02
CA GLU A 20 -4.83 -7.01 -37.08
C GLU A 20 -4.74 -7.32 -35.53
C GLU A 20 -4.74 -7.24 -35.57
N LEU A 21 -3.72 -6.66 -34.97
CA LEU A 21 -3.45 -6.77 -33.52
C LEU A 21 -3.35 -5.37 -32.93
N HIS A 22 -3.94 -5.16 -31.76
CA HIS A 22 -3.77 -3.90 -31.05
C HIS A 22 -2.91 -4.13 -29.80
N ALA A 23 -1.84 -3.37 -29.65
CA ALA A 23 -0.86 -3.64 -28.61
C ALA A 23 -1.00 -2.71 -27.45
N VAL A 24 -0.95 -3.28 -26.24
CA VAL A 24 -0.98 -2.46 -25.02
C VAL A 24 0.16 -2.95 -24.11
N PRO A 25 1.12 -2.09 -23.76
CA PRO A 25 2.14 -2.54 -22.80
C PRO A 25 1.58 -2.49 -21.37
N LEU A 26 1.91 -3.48 -20.56
CA LEU A 26 1.34 -3.62 -19.21
C LEU A 26 2.45 -3.92 -18.24
N ARG A 27 2.37 -3.29 -17.05
CA ARG A 27 3.35 -3.57 -15.99
C ARG A 27 2.50 -3.66 -14.73
N GLN A 28 2.65 -4.70 -13.93
N GLN A 28 2.62 -4.76 -13.98
CA GLN A 28 1.78 -4.83 -12.78
CA GLN A 28 1.90 -4.94 -12.72
C GLN A 28 2.54 -5.70 -11.75
C GLN A 28 2.81 -5.56 -11.69
N GLY A 29 2.48 -5.35 -10.45
CA GLY A 29 3.34 -5.93 -9.43
C GLY A 29 2.66 -5.87 -8.04
N TYR A 30 3.09 -6.75 -7.16
CA TYR A 30 2.51 -6.85 -5.81
C TYR A 30 3.40 -6.27 -4.79
N LEU A 31 2.87 -5.34 -4.00
CA LEU A 31 3.66 -4.81 -2.88
C LEU A 31 3.67 -5.79 -1.72
N THR A 32 2.59 -6.55 -1.63
CA THR A 32 2.41 -7.56 -0.60
C THR A 32 2.85 -9.01 -1.08
N THR A 33 2.96 -9.94 -0.15
CA THR A 33 3.22 -11.39 -0.34
C THR A 33 1.89 -12.05 0.07
N PRO A 34 1.48 -13.18 -0.60
CA PRO A 34 0.14 -13.78 -0.35
C PRO A 34 -0.17 -14.12 1.11
N THR A 35 0.79 -14.22 2.01
CA THR A 35 0.40 -14.45 3.43
C THR A 35 -0.08 -13.12 4.14
N ASP A 36 0.00 -12.00 3.43
CA ASP A 36 -0.30 -10.69 4.11
C ASP A 36 -1.78 -10.57 4.33
N SER A 37 -2.21 -9.67 5.24
CA SER A 37 -3.63 -9.51 5.60
C SER A 37 -4.37 -8.85 4.47
N ILE A 38 -3.65 -8.15 3.63
CA ILE A 38 -4.24 -7.53 2.47
C ILE A 38 -3.34 -7.84 1.18
N GLU A 39 -3.92 -7.61 0.03
CA GLU A 39 -3.17 -7.62 -1.24
C GLU A 39 -3.12 -6.22 -1.82
N LEU A 40 -1.92 -5.73 -2.10
CA LEU A 40 -1.81 -4.38 -2.63
C LEU A 40 -1.05 -4.52 -3.93
N ARG A 41 -1.69 -4.11 -5.04
CA ARG A 41 -1.10 -4.32 -6.37
C ARG A 41 -0.97 -2.98 -7.06
N LEU A 42 0.09 -2.78 -7.84
CA LEU A 42 0.29 -1.61 -8.65
C LEU A 42 0.13 -2.03 -10.13
N ARG A 43 -0.53 -1.24 -10.98
CA ARG A 43 -0.54 -1.64 -12.38
C ARG A 43 -0.47 -0.43 -13.24
N GLN A 44 0.24 -0.57 -14.37
CA GLN A 44 0.23 0.43 -15.39
C GLN A 44 -0.48 -0.21 -16.59
N GLN A 45 -1.46 0.50 -17.06
CA GLN A 45 -2.26 0.02 -18.16
CA GLN A 45 -2.33 0.03 -18.13
C GLN A 45 -2.09 1.05 -19.23
N GLY A 46 -1.16 0.75 -20.13
CA GLY A 46 -0.83 1.81 -21.09
C GLY A 46 -0.37 3.09 -20.37
N THR A 47 -1.21 4.12 -20.38
CA THR A 47 -0.92 5.49 -19.89
C THR A 47 -1.60 5.97 -18.54
N GLU A 48 -2.29 5.07 -17.86
CA GLU A 48 -2.96 5.38 -16.59
C GLU A 48 -2.42 4.37 -15.59
N TYR A 49 -2.51 4.67 -14.28
CA TYR A 49 -1.73 3.88 -13.31
C TYR A 49 -2.66 3.69 -12.12
N PHE A 50 -2.62 2.52 -11.48
CA PHE A 50 -3.57 2.21 -10.39
C PHE A 50 -2.87 1.52 -9.25
N MET A 51 -3.38 1.77 -8.03
CA MET A 51 -3.07 0.93 -6.89
C MET A 51 -4.40 0.31 -6.39
N THR A 52 -4.39 -1.01 -6.19
CA THR A 52 -5.56 -1.76 -5.76
C THR A 52 -5.30 -2.38 -4.40
N LEU A 53 -6.25 -2.23 -3.48
CA LEU A 53 -6.11 -2.90 -2.18
C LEU A 53 -7.32 -3.86 -2.03
N LYS A 54 -7.02 -5.11 -1.76
CA LYS A 54 -7.98 -6.15 -1.52
C LYS A 54 -7.74 -6.81 -0.17
N SER A 55 -8.84 -7.09 0.54
CA SER A 55 -8.81 -7.84 1.80
C SER A 55 -10.11 -8.65 1.80
N GLU A 56 -9.94 -9.98 1.88
CA GLU A 56 -11.06 -10.93 1.83
C GLU A 56 -11.71 -11.03 3.20
N ARG A 61 -15.83 -9.20 1.68
CA ARG A 61 -14.60 -8.75 1.06
C ARG A 61 -14.70 -7.25 0.73
N GLN A 62 -13.57 -6.55 0.82
CA GLN A 62 -13.48 -5.13 0.34
C GLN A 62 -12.40 -4.93 -0.75
N GLU A 63 -12.67 -4.07 -1.73
CA GLU A 63 -11.70 -3.73 -2.77
C GLU A 63 -11.68 -2.24 -2.94
N TYR A 64 -10.49 -1.68 -3.01
CA TYR A 64 -10.31 -0.26 -3.17
C TYR A 64 -9.40 -0.06 -4.36
N GLU A 65 -9.74 0.90 -5.20
CA GLU A 65 -8.84 1.24 -6.30
C GLU A 65 -8.64 2.73 -6.34
N ILE A 66 -7.38 3.16 -6.30
CA ILE A 66 -7.14 4.53 -6.58
C ILE A 66 -6.27 4.66 -7.82
N GLN A 67 -6.62 5.65 -8.62
CA GLN A 67 -5.76 6.07 -9.73
C GLN A 67 -4.61 6.90 -9.18
N ILE A 68 -3.41 6.65 -9.68
CA ILE A 68 -2.28 7.43 -9.23
C ILE A 68 -1.58 8.02 -10.44
N ASP A 69 -0.71 8.98 -10.22
CA ASP A 69 -0.01 9.44 -11.34
C ASP A 69 1.30 8.67 -11.58
N VAL A 70 1.96 9.02 -12.68
CA VAL A 70 3.16 8.24 -13.09
C VAL A 70 4.25 8.38 -12.10
N THR A 71 4.34 9.56 -11.49
CA THR A 71 5.40 9.75 -10.51
C THR A 71 5.12 8.90 -9.23
N GLN A 72 3.90 8.89 -8.74
CA GLN A 72 3.60 7.99 -7.63
C GLN A 72 3.88 6.56 -7.99
N PHE A 73 3.51 6.18 -9.22
CA PHE A 73 3.68 4.78 -9.63
C PHE A 73 5.16 4.40 -9.65
N GLU A 74 6.00 5.21 -10.29
CA GLU A 74 7.42 4.81 -10.43
C GLU A 74 8.16 4.97 -9.14
N MET A 75 7.68 5.85 -8.24
CA MET A 75 8.26 5.88 -6.87
C MET A 75 8.01 4.56 -6.14
N LEU A 76 6.83 4.02 -6.30
CA LEU A 76 6.55 2.79 -5.56
C LEU A 76 6.89 1.46 -6.32
N TRP A 77 6.91 1.52 -7.64
CA TRP A 77 7.30 0.31 -8.44
C TRP A 77 8.47 -0.54 -7.91
N PRO A 78 9.61 0.09 -7.49
CA PRO A 78 10.70 -0.71 -6.99
C PRO A 78 10.32 -1.63 -5.79
N ALA A 79 9.22 -1.35 -5.08
CA ALA A 79 8.91 -2.21 -3.95
C ALA A 79 8.07 -3.45 -4.42
N THR A 80 7.85 -3.55 -5.73
CA THR A 80 7.27 -4.77 -6.30
C THR A 80 8.29 -5.84 -6.84
N GLU A 81 9.56 -5.57 -6.70
CA GLU A 81 10.62 -6.39 -7.30
C GLU A 81 10.49 -7.81 -6.82
N GLY A 82 10.44 -8.76 -7.76
CA GLY A 82 10.32 -10.22 -7.46
C GLY A 82 8.88 -10.63 -7.51
N ARG A 83 7.95 -9.66 -7.59
CA ARG A 83 6.53 -10.04 -7.63
C ARG A 83 5.80 -9.30 -8.75
N ARG A 84 6.35 -9.34 -9.97
CA ARG A 84 5.85 -8.47 -11.03
C ARG A 84 5.56 -9.32 -12.29
N VAL A 85 4.68 -8.87 -13.15
CA VAL A 85 4.51 -9.41 -14.50
C VAL A 85 4.61 -8.20 -15.44
N GLU A 86 5.49 -8.26 -16.43
CA GLU A 86 5.56 -7.19 -17.47
C GLU A 86 5.32 -7.87 -18.83
N LYS A 87 4.51 -7.30 -19.69
CA LYS A 87 4.17 -8.03 -20.89
C LYS A 87 3.56 -7.05 -21.85
N THR A 88 3.51 -7.39 -23.13
CA THR A 88 2.70 -6.61 -24.06
C THR A 88 1.52 -7.48 -24.39
N ARG A 89 0.34 -6.90 -24.29
CA ARG A 89 -0.93 -7.59 -24.60
CA ARG A 89 -0.91 -7.62 -24.63
C ARG A 89 -1.46 -7.20 -25.98
N TYR A 90 -1.70 -8.18 -26.86
CA TYR A 90 -2.24 -7.89 -28.21
C TYR A 90 -3.69 -8.43 -28.24
N SER A 91 -4.63 -7.59 -28.69
CA SER A 91 -6.04 -7.94 -28.86
C SER A 91 -6.31 -8.17 -30.33
N GLY A 92 -6.97 -9.29 -30.60
CA GLY A 92 -7.33 -9.69 -31.95
C GLY A 92 -8.64 -10.48 -31.98
N LYS A 93 -8.93 -11.07 -33.13
CA LYS A 93 -10.19 -11.80 -33.32
C LYS A 93 -9.82 -12.91 -34.28
N LEU A 94 -10.22 -14.14 -33.98
CA LEU A 94 -10.03 -15.30 -34.81
C LEU A 94 -10.99 -15.22 -36.01
N PRO A 95 -10.75 -15.98 -37.08
CA PRO A 95 -11.60 -15.87 -38.30
C PRO A 95 -13.10 -16.08 -38.08
N ASP A 96 -13.47 -16.90 -37.09
CA ASP A 96 -14.87 -17.12 -36.72
C ASP A 96 -15.45 -16.06 -35.80
N GLY A 97 -14.64 -15.03 -35.48
CA GLY A 97 -15.08 -13.97 -34.58
C GLY A 97 -14.79 -14.02 -33.08
N GLN A 98 -14.23 -15.11 -32.50
CA GLN A 98 -13.93 -15.11 -31.05
C GLN A 98 -12.82 -14.14 -30.82
N LEU A 99 -12.96 -13.33 -29.78
CA LEU A 99 -11.92 -12.34 -29.44
C LEU A 99 -10.80 -13.08 -28.69
N PHE A 100 -9.56 -12.68 -28.90
CA PHE A 100 -8.48 -13.22 -28.12
C PHE A 100 -7.56 -12.11 -27.55
N GLU A 101 -6.88 -12.47 -26.46
N GLU A 101 -6.84 -12.45 -26.48
CA GLU A 101 -5.84 -11.61 -25.88
CA GLU A 101 -5.85 -11.56 -25.94
C GLU A 101 -4.56 -12.43 -25.88
C GLU A 101 -4.58 -12.39 -25.84
N LEU A 102 -3.51 -11.85 -26.41
CA LEU A 102 -2.28 -12.60 -26.53
C LEU A 102 -1.19 -11.87 -25.78
N ASP A 103 -0.62 -12.48 -24.76
CA ASP A 103 0.39 -11.85 -23.98
C ASP A 103 1.78 -12.30 -24.33
N VAL A 104 2.68 -11.35 -24.57
CA VAL A 104 4.12 -11.62 -24.84
C VAL A 104 4.86 -11.11 -23.62
N PHE A 105 5.41 -12.04 -22.84
CA PHE A 105 5.93 -11.67 -21.51
C PHE A 105 7.37 -11.16 -21.66
N ALA A 106 7.75 -10.26 -20.75
CA ALA A 106 9.05 -9.61 -20.78
C ALA A 106 9.81 -10.07 -19.53
N GLY A 107 11.06 -9.62 -19.42
CA GLY A 107 12.00 -10.06 -18.37
C GLY A 107 12.14 -11.55 -18.22
N HIS A 108 12.20 -12.01 -17.00
CA HIS A 108 12.56 -13.44 -16.84
C HIS A 108 11.47 -14.39 -17.29
N LEU A 109 10.24 -13.91 -17.48
CA LEU A 109 9.16 -14.78 -17.96
C LEU A 109 9.29 -15.02 -19.49
N SER A 110 10.07 -14.18 -20.17
CA SER A 110 10.44 -14.64 -21.57
C SER A 110 11.02 -16.06 -21.62
N PRO A 111 10.68 -16.90 -22.61
CA PRO A 111 9.96 -16.56 -23.82
C PRO A 111 8.44 -16.93 -23.72
N LEU A 112 7.91 -16.95 -22.51
CA LEU A 112 6.47 -17.32 -22.40
C LEU A 112 5.58 -16.48 -23.26
N MET A 113 4.64 -17.10 -23.97
CA MET A 113 3.54 -16.29 -24.60
C MET A 113 2.27 -17.05 -24.35
N LEU A 114 1.16 -16.35 -24.04
CA LEU A 114 -0.11 -17.03 -23.70
C LEU A 114 -1.23 -16.43 -24.50
N VAL A 115 -2.24 -17.23 -24.84
CA VAL A 115 -3.35 -16.65 -25.57
C VAL A 115 -4.58 -17.06 -24.84
N GLU A 116 -5.45 -16.07 -24.57
CA GLU A 116 -6.66 -16.43 -23.88
CA GLU A 116 -6.68 -16.24 -23.80
C GLU A 116 -7.85 -16.05 -24.74
N VAL A 117 -8.79 -17.00 -24.78
CA VAL A 117 -9.99 -16.85 -25.63
C VAL A 117 -11.26 -16.81 -24.78
N GLU A 118 -12.18 -15.94 -25.15
CA GLU A 118 -13.46 -15.76 -24.45
C GLU A 118 -14.61 -16.29 -25.34
N PHE A 119 -15.54 -16.98 -24.72
CA PHE A 119 -16.66 -17.57 -25.50
C PHE A 119 -18.00 -17.08 -24.95
N LEU A 120 -19.03 -17.07 -25.79
CA LEU A 120 -20.37 -16.64 -25.35
C LEU A 120 -21.19 -17.78 -24.72
N SER A 121 -20.73 -19.02 -24.94
CA SER A 121 -21.38 -20.19 -24.29
C SER A 121 -20.41 -21.33 -23.90
N GLU A 122 -20.77 -22.07 -22.85
CA GLU A 122 -20.03 -23.31 -22.48
C GLU A 122 -19.97 -24.31 -23.64
N ASP A 123 -21.04 -24.34 -24.41
CA ASP A 123 -21.15 -25.22 -25.56
C ASP A 123 -20.10 -24.78 -26.60
N ALA A 124 -20.06 -23.47 -26.92
CA ALA A 124 -19.02 -22.92 -27.84
C ALA A 124 -17.58 -23.12 -27.31
N ALA A 125 -17.39 -22.92 -26.00
CA ALA A 125 -16.13 -23.20 -25.34
C ALA A 125 -15.70 -24.65 -25.44
N GLN A 126 -16.67 -25.58 -25.28
CA GLN A 126 -16.37 -27.01 -25.27
C GLN A 126 -16.20 -27.45 -26.71
N ALA A 127 -16.87 -26.78 -27.64
CA ALA A 127 -16.71 -27.11 -29.06
C ALA A 127 -15.47 -26.47 -29.72
N PHE A 128 -14.88 -25.46 -29.06
CA PHE A 128 -13.74 -24.77 -29.64
C PHE A 128 -12.69 -25.71 -30.24
N ILE A 129 -12.35 -25.50 -31.47
CA ILE A 129 -11.20 -26.19 -32.00
C ILE A 129 -10.02 -25.18 -32.10
N PRO A 130 -8.94 -25.35 -31.30
CA PRO A 130 -7.88 -24.31 -31.43
C PRO A 130 -7.28 -24.22 -32.84
N PRO A 131 -7.00 -22.97 -33.34
CA PRO A 131 -6.25 -22.91 -34.61
C PRO A 131 -4.82 -23.42 -34.45
N PRO A 132 -4.14 -23.73 -35.58
CA PRO A 132 -2.88 -24.44 -35.46
C PRO A 132 -1.81 -23.59 -34.76
N TRP A 133 -1.90 -22.25 -34.84
CA TRP A 133 -0.91 -21.39 -34.14
C TRP A 133 -0.98 -21.45 -32.59
N PHE A 134 -2.06 -21.98 -32.04
CA PHE A 134 -2.14 -22.14 -30.56
C PHE A 134 -1.22 -23.28 -30.11
N GLY A 135 -0.67 -23.22 -28.92
CA GLY A 135 0.13 -24.33 -28.36
C GLY A 135 -0.81 -25.10 -27.44
N GLU A 136 -0.22 -25.83 -26.52
CA GLU A 136 -0.92 -26.67 -25.55
C GLU A 136 -1.76 -25.82 -24.57
N GLU A 137 -2.90 -26.37 -24.16
CA GLU A 137 -3.81 -25.64 -23.31
C GLU A 137 -3.28 -25.66 -21.86
N VAL A 138 -3.46 -24.54 -21.18
CA VAL A 138 -3.06 -24.41 -19.78
C VAL A 138 -4.15 -23.86 -18.92
N THR A 139 -5.40 -23.88 -19.39
CA THR A 139 -6.55 -23.36 -18.57
C THR A 139 -6.50 -23.83 -17.10
N GLU A 140 -6.16 -25.11 -16.91
CA GLU A 140 -6.13 -25.71 -15.57
C GLU A 140 -4.79 -25.66 -14.84
N ASP A 141 -3.73 -25.15 -15.47
CA ASP A 141 -2.45 -25.32 -14.89
C ASP A 141 -2.31 -24.15 -13.96
N LYS A 142 -2.13 -24.44 -12.67
CA LYS A 142 -2.04 -23.40 -11.66
C LYS A 142 -0.78 -22.54 -11.91
N ARG A 143 0.20 -23.13 -12.58
CA ARG A 143 1.43 -22.44 -12.83
C ARG A 143 1.31 -21.20 -13.72
N TYR A 144 0.22 -21.09 -14.46
CA TYR A 144 0.12 -20.10 -15.51
C TYR A 144 -0.89 -19.04 -15.15
N LYS A 145 -1.48 -19.18 -13.96
CA LYS A 145 -2.26 -18.13 -13.38
C LYS A 145 -1.41 -16.86 -13.14
N ASN A 146 -2.04 -15.68 -13.28
CA ASN A 146 -1.40 -14.38 -13.11
C ASN A 146 -0.53 -14.21 -11.85
N LYS A 147 -1.09 -14.53 -10.66
CA LYS A 147 -0.32 -14.34 -9.41
C LYS A 147 0.85 -15.35 -9.25
N ALA A 148 0.62 -16.58 -9.69
CA ALA A 148 1.66 -17.58 -9.82
C ALA A 148 2.81 -17.09 -10.71
N LEU A 149 2.47 -16.48 -11.83
CA LEU A 149 3.47 -15.92 -12.80
C LEU A 149 4.21 -14.79 -12.07
N ALA A 150 3.45 -13.92 -11.41
CA ALA A 150 4.08 -12.83 -10.72
C ALA A 150 5.05 -13.31 -9.64
N LEU A 151 4.67 -14.37 -8.91
CA LEU A 151 5.53 -14.83 -7.79
C LEU A 151 6.66 -15.77 -8.13
N SER A 152 6.67 -16.29 -9.36
CA SER A 152 7.77 -17.17 -9.80
C SER A 152 8.99 -16.28 -9.92
N ILE A 153 10.17 -16.88 -9.88
CA ILE A 153 11.44 -16.15 -9.90
C ILE A 153 12.49 -16.61 -10.97
N PRO A 154 13.44 -15.72 -11.37
CA PRO A 154 14.49 -16.03 -12.37
C PRO A 154 15.35 -17.27 -12.01
N GLY A 155 15.70 -18.10 -13.00
CA GLY A 155 16.54 -19.31 -12.81
C GLY A 155 15.82 -20.57 -12.32
N GLY B 1 30.25 12.70 19.31
CA GLY B 1 29.71 13.13 18.00
C GLY B 1 28.37 13.80 18.22
N HIS B 2 27.87 14.51 17.19
CA HIS B 2 26.56 15.21 17.27
C HIS B 2 25.36 14.25 17.51
N MET B 3 24.25 14.85 17.93
CA MET B 3 23.02 14.11 18.25
C MET B 3 22.59 13.25 17.05
N VAL B 4 22.37 11.97 17.30
CA VAL B 4 21.83 11.12 16.22
C VAL B 4 20.32 10.88 16.42
N THR B 5 19.95 10.46 17.62
CA THR B 5 18.55 10.20 17.90
C THR B 5 18.13 11.15 19.01
N GLU B 6 16.92 11.69 18.90
CA GLU B 6 16.47 12.69 19.83
C GLU B 6 16.26 12.10 21.20
N ILE B 7 16.38 12.99 22.16
CA ILE B 7 16.15 12.63 23.53
C ILE B 7 14.91 13.37 24.11
N GLU B 8 14.05 12.52 24.67
CA GLU B 8 12.63 12.83 24.97
C GLU B 8 12.12 11.98 26.16
N ARG B 9 11.06 12.46 26.79
CA ARG B 9 10.34 11.79 27.85
C ARG B 9 8.91 12.18 27.56
N LYS B 10 8.03 11.26 27.86
CA LYS B 10 6.62 11.44 27.59
C LYS B 10 5.80 11.21 28.87
N PHE B 11 4.76 12.03 29.08
CA PHE B 11 3.92 11.97 30.27
C PHE B 11 2.43 12.01 29.92
N LEU B 12 1.60 11.48 30.80
CA LEU B 12 0.21 11.86 30.79
C LEU B 12 0.11 13.34 31.10
N VAL B 13 -1.07 13.91 30.92
CA VAL B 13 -1.25 15.33 31.16
C VAL B 13 -2.30 15.42 32.29
N ALA B 14 -1.96 16.06 33.42
CA ALA B 14 -2.92 16.20 34.53
C ALA B 14 -3.83 17.42 34.23
N THR B 15 -3.26 18.47 33.70
CA THR B 15 -4.04 19.66 33.43
C THR B 15 -3.65 20.25 32.10
N PHE B 16 -4.61 20.52 31.20
CA PHE B 16 -4.22 21.13 29.93
C PHE B 16 -3.56 22.50 30.18
N PRO B 17 -2.44 22.83 29.49
CA PRO B 17 -1.76 24.06 29.94
C PRO B 17 -2.35 25.35 29.36
N ASP B 18 -1.97 26.46 29.98
CA ASP B 18 -2.35 27.69 29.35
C ASP B 18 -1.13 28.16 28.53
N GLY B 19 -1.17 29.34 27.91
CA GLY B 19 0.02 29.75 27.17
C GLY B 19 -0.18 29.63 25.68
N GLU B 20 0.86 30.01 24.93
CA GLU B 20 0.81 30.00 23.46
C GLU B 20 0.91 28.56 22.94
N LEU B 21 -0.16 28.07 22.33
CA LEU B 21 -0.16 26.75 21.71
C LEU B 21 -0.44 26.85 20.22
N HIS B 22 0.26 26.06 19.41
CA HIS B 22 -0.10 25.93 17.99
C HIS B 22 -0.74 24.56 17.70
N ALA B 23 -1.94 24.56 17.10
CA ALA B 23 -2.73 23.33 16.97
C ALA B 23 -2.65 22.76 15.59
N VAL B 24 -2.43 21.45 15.50
CA VAL B 24 -2.43 20.80 14.15
C VAL B 24 -3.31 19.54 14.26
N PRO B 25 -4.41 19.42 13.49
CA PRO B 25 -5.13 18.14 13.61
C PRO B 25 -4.41 17.06 12.80
N LEU B 26 -4.43 15.82 13.31
CA LEU B 26 -3.65 14.73 12.72
C LEU B 26 -4.56 13.52 12.64
N ARG B 27 -4.45 12.77 11.52
CA ARG B 27 -5.20 11.49 11.40
C ARG B 27 -4.19 10.54 10.74
N GLN B 28 -3.96 9.36 11.31
CA GLN B 28 -3.02 8.44 10.73
C GLN B 28 -3.52 7.02 11.00
N GLY B 29 -3.18 6.05 10.15
CA GLY B 29 -3.86 4.78 10.22
C GLY B 29 -3.02 3.76 9.43
N TYR B 30 -3.04 2.50 9.87
CA TYR B 30 -2.29 1.42 9.16
C TYR B 30 -3.18 0.58 8.31
N LEU B 31 -2.80 0.44 7.05
CA LEU B 31 -3.54 -0.47 6.16
C LEU B 31 -3.17 -1.93 6.46
N THR B 32 -1.95 -2.11 6.90
CA THR B 32 -1.37 -3.44 7.27
C THR B 32 -1.52 -3.73 8.80
N THR B 33 -1.31 -4.99 9.20
CA THR B 33 -1.26 -5.39 10.62
C THR B 33 0.21 -5.83 10.82
N PRO B 34 0.75 -5.74 12.07
CA PRO B 34 2.22 -5.91 12.28
C PRO B 34 2.80 -7.23 11.77
N THR B 35 2.03 -8.26 11.57
CA THR B 35 2.64 -9.50 11.04
C THR B 35 2.84 -9.44 9.49
N ASP B 36 2.32 -8.41 8.85
CA ASP B 36 2.43 -8.36 7.38
C ASP B 36 3.88 -8.15 6.99
N SER B 37 4.19 -8.42 5.72
CA SER B 37 5.58 -8.36 5.26
C SER B 37 6.03 -6.95 5.10
N ILE B 38 5.06 -6.04 4.97
CA ILE B 38 5.40 -4.66 4.87
C ILE B 38 4.49 -3.88 5.90
N GLU B 39 4.87 -2.63 6.19
CA GLU B 39 4.00 -1.67 6.88
C GLU B 39 3.57 -0.54 5.96
N LEU B 40 2.26 -0.33 5.83
CA LEU B 40 1.72 0.67 4.94
C LEU B 40 0.84 1.59 5.79
N ARG B 41 1.21 2.86 5.85
CA ARG B 41 0.54 3.79 6.77
C ARG B 41 0.07 4.98 5.96
N LEU B 42 -1.12 5.47 6.29
CA LEU B 42 -1.67 6.66 5.72
C LEU B 42 -1.65 7.77 6.79
N ARG B 43 -1.27 8.99 6.42
CA ARG B 43 -1.37 10.07 7.38
C ARG B 43 -1.81 11.37 6.75
N GLN B 44 -2.59 12.14 7.54
CA GLN B 44 -2.90 13.48 7.17
C GLN B 44 -2.21 14.43 8.20
N GLN B 45 -1.48 15.40 7.71
CA GLN B 45 -0.77 16.34 8.57
C GLN B 45 -1.24 17.66 8.10
N GLY B 46 -2.20 18.17 8.85
CA GLY B 46 -2.85 19.37 8.38
C GLY B 46 -3.59 19.14 7.09
N THR B 47 -3.05 19.75 6.04
CA THR B 47 -3.65 19.81 4.71
C THR B 47 -2.82 19.04 3.66
N GLU B 48 -1.89 18.23 4.11
CA GLU B 48 -1.07 17.43 3.20
C GLU B 48 -1.31 15.99 3.60
N TYR B 49 -1.12 15.04 2.66
CA TYR B 49 -1.50 13.64 2.91
C TYR B 49 -0.43 12.74 2.35
N PHE B 50 -0.12 11.66 3.07
CA PHE B 50 1.01 10.78 2.66
C PHE B 50 0.64 9.34 2.84
N MET B 51 1.24 8.49 1.99
CA MET B 51 1.21 7.06 2.25
C MET B 51 2.70 6.64 2.38
N THR B 52 3.01 5.86 3.40
CA THR B 52 4.38 5.41 3.66
CA THR B 52 4.39 5.37 3.54
C THR B 52 4.45 3.88 3.57
N LEU B 53 5.47 3.35 2.89
CA LEU B 53 5.66 1.88 2.86
C LEU B 53 7.03 1.60 3.50
N LYS B 54 7.02 0.74 4.50
CA LYS B 54 8.24 0.28 5.13
C LYS B 54 8.37 -1.24 5.03
N SER B 55 9.57 -1.71 4.72
CA SER B 55 9.90 -3.14 4.79
C SER B 55 11.17 -3.36 5.63
N GLU B 56 11.14 -4.37 6.53
CA GLU B 56 12.29 -4.75 7.37
C GLU B 56 12.59 -6.27 7.30
N GLN B 62 14.24 0.67 1.44
CA GLN B 62 13.51 0.20 2.62
C GLN B 62 12.30 1.06 3.06
N GLU B 63 12.27 2.37 2.76
CA GLU B 63 11.13 3.23 3.13
C GLU B 63 10.78 4.06 1.96
N TYR B 64 9.50 4.09 1.63
CA TYR B 64 9.00 4.86 0.52
C TYR B 64 7.93 5.76 1.06
N GLU B 65 7.92 7.00 0.57
CA GLU B 65 6.85 7.91 0.94
C GLU B 65 6.31 8.57 -0.32
N ILE B 66 5.00 8.49 -0.53
CA ILE B 66 4.41 9.25 -1.61
C ILE B 66 3.39 10.21 -1.00
N GLN B 67 3.40 11.40 -1.52
CA GLN B 67 2.37 12.36 -1.20
C GLN B 67 1.14 12.03 -2.04
N ILE B 68 -0.05 12.12 -1.44
CA ILE B 68 -1.24 11.79 -2.20
C ILE B 68 -2.22 12.95 -2.01
N ASP B 69 -3.22 13.02 -2.84
CA ASP B 69 -4.18 14.04 -2.63
C ASP B 69 -5.29 13.62 -1.66
N VAL B 70 -6.16 14.57 -1.36
CA VAL B 70 -7.21 14.32 -0.38
C VAL B 70 -8.18 13.26 -0.79
N THR B 71 -8.47 13.16 -2.09
CA THR B 71 -9.41 12.21 -2.56
C THR B 71 -8.78 10.80 -2.47
N GLN B 72 -7.52 10.68 -2.86
CA GLN B 72 -6.86 9.38 -2.67
C GLN B 72 -6.87 9.01 -1.22
N PHE B 73 -6.60 10.00 -0.35
CA PHE B 73 -6.52 9.68 1.09
C PHE B 73 -7.88 9.20 1.62
N GLU B 74 -8.96 9.94 1.35
CA GLU B 74 -10.27 9.59 1.92
C GLU B 74 -10.85 8.33 1.32
N MET B 75 -10.46 8.00 0.08
CA MET B 75 -10.87 6.72 -0.51
C MET B 75 -10.21 5.54 0.17
N LEU B 76 -8.96 5.69 0.57
CA LEU B 76 -8.30 4.60 1.23
C LEU B 76 -8.46 4.60 2.76
N TRP B 77 -8.73 5.77 3.35
CA TRP B 77 -8.86 5.82 4.83
C TRP B 77 -9.71 4.71 5.51
N PRO B 78 -10.88 4.37 4.96
CA PRO B 78 -11.74 3.39 5.54
C PRO B 78 -11.04 2.00 5.75
N ALA B 79 -9.97 1.71 4.98
CA ALA B 79 -9.29 0.42 5.10
C ALA B 79 -8.30 0.46 6.28
N THR B 80 -8.25 1.60 6.98
CA THR B 80 -7.45 1.67 8.23
C THR B 80 -8.30 1.47 9.54
N GLU B 81 -9.58 1.16 9.40
CA GLU B 81 -10.50 1.11 10.55
C GLU B 81 -10.00 0.11 11.50
N GLY B 82 -9.84 0.54 12.76
CA GLY B 82 -9.39 -0.34 13.84
C GLY B 82 -7.93 -0.19 14.08
N ARG B 83 -7.21 0.51 13.18
CA ARG B 83 -5.77 0.65 13.36
C ARG B 83 -5.36 2.10 13.19
N ARG B 84 -6.06 3.00 13.87
CA ARG B 84 -5.91 4.41 13.57
C ARG B 84 -5.62 5.20 14.84
N VAL B 85 -4.98 6.36 14.72
CA VAL B 85 -4.87 7.30 15.84
C VAL B 85 -5.29 8.65 15.27
N GLU B 86 -6.29 9.26 15.90
CA GLU B 86 -6.68 10.65 15.48
C GLU B 86 -6.51 11.56 16.71
N LYS B 87 -5.95 12.73 16.52
CA LYS B 87 -5.67 13.55 17.72
C LYS B 87 -5.42 14.95 17.22
N THR B 88 -5.47 15.94 18.12
CA THR B 88 -4.96 17.26 17.79
C THR B 88 -3.68 17.42 18.56
N ARG B 89 -2.65 17.91 17.87
CA ARG B 89 -1.33 18.09 18.47
CA ARG B 89 -1.33 18.10 18.48
C ARG B 89 -1.07 19.56 18.70
N TYR B 90 -0.75 19.92 19.94
CA TYR B 90 -0.43 21.31 20.29
C TYR B 90 1.06 21.42 20.55
N SER B 91 1.72 22.38 19.90
CA SER B 91 3.14 22.67 20.09
C SER B 91 3.30 23.89 20.99
N GLY B 92 4.16 23.74 21.99
CA GLY B 92 4.40 24.83 22.94
C GLY B 92 5.84 24.80 23.49
N LYS B 93 6.08 25.57 24.54
CA LYS B 93 7.41 25.76 25.10
C LYS B 93 7.19 25.97 26.57
N LEU B 94 7.91 25.26 27.41
CA LEU B 94 7.85 25.45 28.84
C LEU B 94 8.60 26.75 29.21
N PRO B 95 8.40 27.30 30.44
CA PRO B 95 9.14 28.52 30.86
C PRO B 95 10.66 28.51 30.68
N ASP B 96 11.32 27.38 30.92
CA ASP B 96 12.78 27.24 30.77
C ASP B 96 13.22 27.10 29.32
N GLY B 97 12.23 27.13 28.41
CA GLY B 97 12.48 26.93 26.99
C GLY B 97 12.42 25.55 26.33
N GLN B 98 12.20 24.43 27.08
CA GLN B 98 12.11 23.12 26.40
C GLN B 98 10.85 23.13 25.59
N LEU B 99 10.96 22.67 24.36
CA LEU B 99 9.78 22.54 23.49
C LEU B 99 8.97 21.30 23.88
N PHE B 100 7.63 21.40 23.79
CA PHE B 100 6.80 20.22 24.02
C PHE B 100 5.77 20.01 22.92
N GLU B 101 5.32 18.76 22.78
CA GLU B 101 4.17 18.47 21.91
C GLU B 101 3.13 17.80 22.78
N LEU B 102 1.90 18.26 22.63
CA LEU B 102 0.87 17.80 23.53
C LEU B 102 -0.24 17.25 22.67
N ASP B 103 -0.49 15.96 22.76
CA ASP B 103 -1.55 15.34 22.01
C ASP B 103 -2.84 15.16 22.78
N VAL B 104 -3.95 15.59 22.18
CA VAL B 104 -5.32 15.40 22.70
C VAL B 104 -6.00 14.43 21.75
N PHE B 105 -6.15 13.20 22.22
CA PHE B 105 -6.64 12.09 21.36
C PHE B 105 -8.16 12.12 21.19
N ALA B 106 -8.58 11.71 19.99
CA ALA B 106 -10.01 11.73 19.58
C ALA B 106 -10.48 10.27 19.55
N GLY B 107 -11.77 10.09 19.30
CA GLY B 107 -12.44 8.79 19.24
C GLY B 107 -12.26 7.93 20.47
N HIS B 108 -12.04 6.63 20.30
CA HIS B 108 -12.08 5.79 21.46
C HIS B 108 -10.85 5.97 22.39
N LEU B 109 -9.79 6.63 21.91
CA LEU B 109 -8.63 6.86 22.77
C LEU B 109 -8.91 8.04 23.74
N SER B 110 -9.94 8.85 23.44
CA SER B 110 -10.35 9.82 24.52
C SER B 110 -10.62 9.10 25.87
N PRO B 111 -10.25 9.66 27.00
CA PRO B 111 -9.74 10.97 27.29
C PRO B 111 -8.20 11.06 27.34
N LEU B 112 -7.47 10.14 26.70
CA LEU B 112 -5.97 10.23 26.77
C LEU B 112 -5.44 11.56 26.35
N MET B 113 -4.45 12.09 27.09
CA MET B 113 -3.71 13.24 26.57
C MET B 113 -2.30 12.92 26.93
N LEU B 114 -1.37 13.18 25.99
CA LEU B 114 0.08 12.90 26.28
C LEU B 114 0.91 14.13 26.03
N VAL B 115 2.01 14.30 26.78
CA VAL B 115 2.90 15.42 26.47
C VAL B 115 4.29 14.84 26.26
N GLU B 116 4.93 15.22 25.17
CA GLU B 116 6.28 14.74 24.95
C GLU B 116 7.27 15.90 24.96
N VAL B 117 8.40 15.73 25.68
CA VAL B 117 9.36 16.86 25.80
C VAL B 117 10.70 16.51 25.17
N GLU B 118 11.30 17.45 24.45
CA GLU B 118 12.60 17.23 23.78
C GLU B 118 13.71 17.98 24.58
N PHE B 119 14.81 17.28 24.77
CA PHE B 119 15.94 17.80 25.52
C PHE B 119 17.20 17.86 24.65
N LEU B 120 18.03 18.89 24.88
CA LEU B 120 19.23 19.11 24.05
C LEU B 120 20.39 18.24 24.53
N SER B 121 20.46 18.02 25.86
CA SER B 121 21.50 17.15 26.41
C SER B 121 20.89 15.98 27.16
N GLU B 122 21.54 14.83 27.04
CA GLU B 122 20.98 13.58 27.56
C GLU B 122 21.15 13.55 29.09
N ASP B 123 21.46 14.71 29.67
CA ASP B 123 21.56 14.91 31.11
C ASP B 123 20.60 16.02 31.59
N ALA B 124 20.23 16.94 30.69
CA ALA B 124 19.10 17.87 30.94
C ALA B 124 17.81 17.06 31.04
N ALA B 125 17.77 15.96 30.28
CA ALA B 125 16.68 14.99 30.27
C ALA B 125 16.55 14.34 31.62
N GLN B 126 17.70 13.95 32.19
CA GLN B 126 17.71 13.26 33.47
C GLN B 126 17.53 14.29 34.61
N ALA B 127 17.93 15.53 34.39
CA ALA B 127 17.68 16.57 35.38
C ALA B 127 16.25 17.12 35.32
N PHE B 128 15.51 16.84 34.24
CA PHE B 128 14.20 17.46 34.07
C PHE B 128 13.31 17.42 35.34
N ILE B 129 12.80 18.55 35.78
CA ILE B 129 11.76 18.45 36.76
C ILE B 129 10.37 18.73 36.09
N PRO B 130 9.51 17.70 36.00
CA PRO B 130 8.22 17.99 35.32
C PRO B 130 7.41 19.10 36.02
N PRO B 131 6.80 20.02 35.23
CA PRO B 131 5.89 20.99 35.86
C PRO B 131 4.61 20.30 36.42
N PRO B 132 3.88 20.99 37.33
CA PRO B 132 2.75 20.32 38.00
C PRO B 132 1.66 19.87 37.06
N TRP B 133 1.49 20.53 35.91
CA TRP B 133 0.44 20.10 34.95
C TRP B 133 0.72 18.76 34.25
N PHE B 134 1.97 18.27 34.32
CA PHE B 134 2.30 16.94 33.76
C PHE B 134 1.71 15.85 34.68
N GLY B 135 1.28 14.72 34.12
CA GLY B 135 0.80 13.57 34.90
C GLY B 135 2.01 12.63 34.96
N GLU B 136 1.72 11.36 35.20
CA GLU B 136 2.73 10.32 35.35
C GLU B 136 3.53 10.05 34.09
N GLU B 137 4.80 9.70 34.26
CA GLU B 137 5.65 9.48 33.12
C GLU B 137 5.32 8.12 32.47
N VAL B 138 5.33 8.07 31.14
CA VAL B 138 5.05 6.85 30.42
C VAL B 138 6.08 6.54 29.38
N THR B 139 7.25 7.20 29.47
CA THR B 139 8.35 7.00 28.48
C THR B 139 8.62 5.53 28.20
N GLU B 140 8.71 4.73 29.26
CA GLU B 140 9.05 3.33 29.11
C GLU B 140 7.85 2.38 28.89
N ASP B 141 6.61 2.89 28.89
CA ASP B 141 5.45 2.04 28.89
C ASP B 141 5.08 1.74 27.44
N LYS B 142 5.09 0.43 27.10
CA LYS B 142 4.92 -0.05 25.74
C LYS B 142 3.55 0.30 25.19
N ARG B 143 2.58 0.37 26.10
CA ARG B 143 1.21 0.66 25.72
C ARG B 143 0.96 2.05 25.14
N TYR B 144 1.89 2.96 25.35
CA TYR B 144 1.69 4.37 24.96
C TYR B 144 2.47 4.76 23.73
N LYS B 145 3.18 3.79 23.16
CA LYS B 145 3.84 3.99 21.91
C LYS B 145 2.77 4.14 20.85
N ASN B 146 3.07 4.93 19.82
CA ASN B 146 2.15 5.16 18.70
C ASN B 146 1.42 3.95 18.08
N LYS B 147 2.17 2.86 17.77
CA LYS B 147 1.58 1.71 17.11
C LYS B 147 0.68 0.88 18.04
N ALA B 148 1.12 0.74 19.28
CA ALA B 148 0.32 0.22 20.35
C ALA B 148 -1.01 0.99 20.45
N LEU B 149 -0.94 2.33 20.42
CA LEU B 149 -2.18 3.16 20.55
C LEU B 149 -3.06 2.85 19.30
N ALA B 150 -2.44 2.80 18.12
CA ALA B 150 -3.25 2.54 16.91
C ALA B 150 -3.90 1.19 16.95
N LEU B 151 -3.17 0.20 17.47
CA LEU B 151 -3.72 -1.17 17.45
C LEU B 151 -4.65 -1.51 18.59
N SER B 152 -4.71 -0.65 19.62
CA SER B 152 -5.66 -0.90 20.70
C SER B 152 -7.09 -0.68 20.14
N ILE B 153 -8.05 -1.22 20.89
CA ILE B 153 -9.43 -1.40 20.51
C ILE B 153 -10.45 -0.82 21.55
N PRO B 154 -11.59 -0.26 21.08
CA PRO B 154 -12.65 0.26 21.95
C PRO B 154 -13.32 -0.82 22.82
N GLY B 155 -13.71 -0.47 24.06
CA GLY B 155 -14.59 -1.34 24.87
C GLY B 155 -13.97 -2.09 26.05
#